data_3NYI
#
_entry.id   3NYI
#
_cell.length_a   56.725
_cell.length_b   110.221
_cell.length_c   57.127
_cell.angle_alpha   90.00
_cell.angle_beta   108.62
_cell.angle_gamma   90.00
#
_symmetry.space_group_name_H-M   'P 1 21 1'
#
loop_
_entity.id
_entity.type
_entity.pdbx_description
1 polymer 'fat acid-binding protein'
2 non-polymer 'STEARIC ACID'
3 water water
#
_entity_poly.entity_id   1
_entity_poly.type   'polypeptide(L)'
_entity_poly.pdbx_seq_one_letter_code
;SNA(MSE)YKIVSDSACDLSKEYLEKHDVTIVPLSVSFDGETYYRDGVDITRDECYQR(MSE)VDDPKLFPKTSLPSVES
YADVFRSFVEQGFPVVCFTITTLFSGSYNSAINAKSLVLEDYPDANICVIDSKQNTVTQALLIDQFVR(MSE)LEDGLSF
EQA(MSE)SKLDAL(MSE)ASARIFFTVGSLDYLK(MSE)GGRIGKVATAATGKLGVKPVII(MSE)KDGDIGLGGIGRN
RNKLKNSVLQVAKKYLDENNKDNFIVSVGYGYDKEEGFEF(MSE)KEVESTLDVKLDSETNVAIGIVSAVHTGPYPIGLG
VIRKYETL
;
_entity_poly.pdbx_strand_id   A,B
#
# COMPACT_ATOMS: atom_id res chain seq x y z
N TYR A 5 -4.09 -3.14 -26.04
CA TYR A 5 -4.14 -2.46 -24.76
C TYR A 5 -3.21 -1.27 -24.74
N LYS A 6 -3.62 -0.25 -24.00
CA LYS A 6 -2.74 0.87 -23.73
C LYS A 6 -2.12 0.66 -22.35
N ILE A 7 -0.83 0.32 -22.34
CA ILE A 7 -0.09 0.12 -21.10
C ILE A 7 0.38 1.47 -20.54
N VAL A 8 0.10 1.69 -19.26
CA VAL A 8 0.51 2.92 -18.57
C VAL A 8 1.31 2.56 -17.31
N SER A 9 2.30 3.39 -16.97
CA SER A 9 3.02 3.22 -15.71
C SER A 9 3.34 4.59 -15.15
N ASP A 10 3.55 4.67 -13.83
CA ASP A 10 4.09 5.89 -13.25
C ASP A 10 5.58 5.91 -13.54
N SER A 11 6.20 7.07 -13.36
CA SER A 11 7.58 7.24 -13.82
C SER A 11 8.62 6.51 -12.98
N ALA A 12 8.19 5.80 -11.94
CA ALA A 12 9.14 5.07 -11.10
C ALA A 12 9.76 3.89 -11.83
N CYS A 13 9.16 3.47 -12.94
CA CYS A 13 9.64 2.27 -13.66
C CYS A 13 10.97 2.50 -14.39
N ASP A 14 11.26 3.75 -14.70
CA ASP A 14 12.56 4.11 -15.30
C ASP A 14 12.84 3.48 -16.68
N LEU A 15 11.80 3.07 -17.38
CA LEU A 15 11.95 2.51 -18.72
C LEU A 15 12.55 3.55 -19.67
N SER A 16 13.44 3.11 -20.55
CA SER A 16 14.12 4.03 -21.47
C SER A 16 13.16 4.71 -22.45
N LYS A 17 13.55 5.89 -22.93
CA LYS A 17 12.79 6.58 -23.98
C LYS A 17 12.52 5.65 -25.16
N GLU A 18 13.56 4.92 -25.58
CA GLU A 18 13.45 3.96 -26.68
C GLU A 18 12.39 2.91 -26.42
N TYR A 19 12.38 2.36 -25.20
CA TYR A 19 11.46 1.28 -24.87
C TYR A 19 10.02 1.78 -24.95
N LEU A 20 9.80 2.99 -24.43
CA LEU A 20 8.47 3.57 -24.40
C LEU A 20 7.90 3.73 -25.81
N GLU A 21 8.71 4.24 -26.72
CA GLU A 21 8.28 4.41 -28.10
C GLU A 21 8.05 3.07 -28.78
N LYS A 22 9.01 2.16 -28.62
CA LYS A 22 8.92 0.86 -29.26
C LYS A 22 7.68 0.08 -28.87
N HIS A 23 7.35 0.09 -27.58
CA HIS A 23 6.26 -0.76 -27.07
C HIS A 23 4.99 0.00 -26.69
N ASP A 24 4.92 1.28 -27.05
CA ASP A 24 3.74 2.10 -26.82
C ASP A 24 3.31 2.15 -25.33
N VAL A 25 4.26 2.44 -24.46
CA VAL A 25 3.98 2.58 -23.03
C VAL A 25 3.92 4.07 -22.67
N THR A 26 2.88 4.46 -21.94
CA THR A 26 2.66 5.84 -21.56
C THR A 26 3.05 6.02 -20.09
N ILE A 27 3.78 7.09 -19.79
CA ILE A 27 4.23 7.35 -18.42
C ILE A 27 3.47 8.48 -17.75
N VAL A 28 3.01 8.23 -16.52
CA VAL A 28 2.46 9.28 -15.66
C VAL A 28 3.53 9.67 -14.63
N PRO A 29 4.01 10.91 -14.72
CA PRO A 29 5.16 11.34 -13.91
C PRO A 29 4.87 11.59 -12.43
N LEU A 30 5.80 11.18 -11.57
CA LEU A 30 5.87 11.71 -10.21
C LEU A 30 6.56 13.08 -10.28
N SER A 31 6.59 13.80 -9.17
CA SER A 31 7.28 15.08 -9.14
C SER A 31 8.38 15.11 -8.08
N VAL A 32 9.33 16.01 -8.28
CA VAL A 32 10.39 16.24 -7.31
C VAL A 32 10.47 17.73 -6.95
N SER A 33 10.84 18.03 -5.71
CA SER A 33 11.04 19.41 -5.27
C SER A 33 12.35 19.51 -4.50
N PHE A 34 13.08 20.59 -4.74
CA PHE A 34 14.33 20.83 -4.02
C PHE A 34 14.16 21.76 -2.83
N ASP A 35 13.15 22.62 -2.88
CA ASP A 35 12.92 23.57 -1.78
C ASP A 35 11.68 23.24 -0.98
N GLY A 36 10.93 22.24 -1.42
CA GLY A 36 9.68 21.88 -0.77
C GLY A 36 8.50 22.76 -1.15
N GLU A 37 8.73 23.73 -2.01
CA GLU A 37 7.66 24.61 -2.48
C GLU A 37 7.30 24.36 -3.93
N THR A 38 8.31 24.47 -4.80
CA THR A 38 8.11 24.25 -6.22
C THR A 38 8.42 22.80 -6.59
N TYR A 39 7.51 22.17 -7.32
CA TYR A 39 7.68 20.79 -7.80
C TYR A 39 7.78 20.71 -9.32
N TYR A 40 8.56 19.74 -9.79
CA TYR A 40 8.82 19.52 -11.21
C TYR A 40 8.50 18.07 -11.57
N ARG A 41 7.66 17.88 -12.60
CA ARG A 41 7.31 16.56 -13.06
C ARG A 41 8.51 15.82 -13.66
N ASP A 42 8.74 14.63 -13.11
CA ASP A 42 9.86 13.75 -13.46
C ASP A 42 9.97 13.58 -14.98
N GLY A 43 11.11 13.97 -15.53
CA GLY A 43 11.35 13.75 -16.95
C GLY A 43 10.67 14.76 -17.85
N VAL A 44 9.64 15.44 -17.35
CA VAL A 44 8.89 16.41 -18.16
C VAL A 44 9.36 17.84 -17.88
N ASP A 45 9.31 18.25 -16.61
CA ASP A 45 9.72 19.60 -16.21
C ASP A 45 11.19 19.66 -15.80
N ILE A 46 11.83 18.50 -15.72
CA ILE A 46 13.21 18.40 -15.29
C ILE A 46 13.75 17.05 -15.73
N THR A 47 15.06 16.95 -15.92
CA THR A 47 15.64 15.70 -16.41
C THR A 47 16.31 14.91 -15.30
N ARG A 48 16.43 13.61 -15.54
CA ARG A 48 17.04 12.71 -14.59
C ARG A 48 18.47 13.14 -14.27
N ASP A 49 19.24 13.45 -15.30
CA ASP A 49 20.63 13.84 -15.08
C ASP A 49 20.77 15.13 -14.25
N GLU A 50 19.90 16.12 -14.48
CA GLU A 50 19.94 17.37 -13.73
C GLU A 50 19.71 17.13 -12.25
N CYS A 51 18.75 16.27 -11.94
CA CYS A 51 18.43 15.98 -10.56
C CYS A 51 19.62 15.35 -9.84
N TYR A 52 20.26 14.37 -10.47
CA TYR A 52 21.41 13.74 -9.84
C TYR A 52 22.49 14.79 -9.58
N GLN A 53 22.65 15.71 -10.52
CA GLN A 53 23.65 16.78 -10.39
C GLN A 53 23.41 17.63 -9.16
N ARG A 54 22.16 18.08 -8.98
CA ARG A 54 21.83 18.90 -7.81
CA ARG A 54 21.82 18.90 -7.81
C ARG A 54 22.25 18.20 -6.53
N VAL A 56 24.55 15.72 -6.23
CA VAL A 56 25.99 15.54 -6.21
C VAL A 56 26.72 16.84 -5.86
N ASP A 57 26.22 17.95 -6.38
CA ASP A 57 26.79 19.27 -6.10
C ASP A 57 26.56 19.70 -4.66
N ASP A 58 25.55 19.12 -4.01
CA ASP A 58 25.20 19.56 -2.66
C ASP A 58 24.76 18.40 -1.76
N PRO A 59 25.72 17.79 -1.05
CA PRO A 59 25.53 16.60 -0.23
C PRO A 59 24.58 16.82 0.94
N LYS A 60 24.17 18.06 1.17
CA LYS A 60 23.27 18.40 2.26
C LYS A 60 21.84 18.59 1.78
N LEU A 61 21.66 18.56 0.46
CA LEU A 61 20.37 18.76 -0.18
C LEU A 61 19.56 17.46 -0.15
N PHE A 62 18.41 17.47 0.53
CA PHE A 62 17.50 16.32 0.49
C PHE A 62 16.18 16.70 -0.21
N PRO A 63 16.06 16.33 -1.50
CA PRO A 63 14.86 16.67 -2.25
C PRO A 63 13.66 15.87 -1.76
N LYS A 64 12.46 16.27 -2.18
CA LYS A 64 11.25 15.55 -1.85
C LYS A 64 10.57 15.05 -3.12
N THR A 65 9.94 13.89 -3.04
CA THR A 65 9.15 13.38 -4.15
C THR A 65 7.69 13.59 -3.82
N SER A 66 6.86 13.54 -4.84
CA SER A 66 5.43 13.60 -4.64
C SER A 66 4.76 12.67 -5.63
N LEU A 67 3.77 11.92 -5.15
CA LEU A 67 2.97 11.01 -5.98
C LEU A 67 2.26 11.77 -7.10
N PRO A 68 1.86 11.07 -8.19
CA PRO A 68 1.15 11.81 -9.25
C PRO A 68 -0.24 12.17 -8.76
N SER A 69 -0.80 13.28 -9.25
CA SER A 69 -2.11 13.70 -8.81
C SER A 69 -3.14 12.76 -9.42
N VAL A 70 -4.26 12.56 -8.74
CA VAL A 70 -5.41 11.87 -9.33
C VAL A 70 -5.76 12.40 -10.73
N GLU A 71 -5.74 13.72 -10.91
CA GLU A 71 -6.11 14.31 -12.22
C GLU A 71 -5.15 13.92 -13.34
N SER A 72 -3.86 13.78 -13.02
CA SER A 72 -2.85 13.36 -14.01
C SER A 72 -3.13 11.97 -14.57
N TYR A 73 -3.40 11.02 -13.70
CA TYR A 73 -3.83 9.70 -14.13
C TYR A 73 -5.15 9.80 -14.90
N ALA A 74 -6.11 10.53 -14.36
CA ALA A 74 -7.45 10.58 -14.93
C ALA A 74 -7.44 11.08 -16.38
N ASP A 75 -6.68 12.14 -16.65
CA ASP A 75 -6.59 12.66 -18.01
C ASP A 75 -6.01 11.64 -19.00
N VAL A 76 -5.03 10.86 -18.56
CA VAL A 76 -4.49 9.79 -19.40
C VAL A 76 -5.53 8.70 -19.61
N PHE A 77 -6.12 8.21 -18.52
CA PHE A 77 -7.14 7.16 -18.64
C PHE A 77 -8.27 7.61 -19.57
N ARG A 78 -8.73 8.84 -19.36
CA ARG A 78 -9.86 9.38 -20.12
CA ARG A 78 -9.86 9.38 -20.12
C ARG A 78 -9.59 9.42 -21.63
N SER A 79 -8.42 9.91 -22.01
CA SER A 79 -8.11 10.06 -23.43
C SER A 79 -8.05 8.71 -24.16
N PHE A 80 -7.52 7.69 -23.49
CA PHE A 80 -7.50 6.36 -24.08
C PHE A 80 -8.92 5.76 -24.13
N VAL A 81 -9.64 5.87 -23.02
CA VAL A 81 -10.98 5.27 -22.91
C VAL A 81 -12.01 5.83 -23.90
N GLU A 82 -11.95 7.13 -24.17
CA GLU A 82 -12.90 7.70 -25.12
C GLU A 82 -12.56 7.24 -26.55
N GLN A 83 -11.38 6.68 -26.71
CA GLN A 83 -10.99 6.08 -27.98
C GLN A 83 -11.34 4.58 -28.04
N GLY A 84 -11.88 4.07 -26.94
CA GLY A 84 -12.29 2.67 -26.88
C GLY A 84 -11.20 1.71 -26.47
N PHE A 85 -10.03 2.24 -26.13
CA PHE A 85 -8.90 1.42 -25.70
C PHE A 85 -9.07 0.94 -24.26
N PRO A 86 -8.86 -0.36 -24.01
CA PRO A 86 -8.76 -0.87 -22.64
C PRO A 86 -7.42 -0.38 -22.08
N VAL A 87 -7.35 -0.11 -20.78
CA VAL A 87 -6.15 0.43 -20.18
C VAL A 87 -5.60 -0.48 -19.09
N VAL A 88 -4.28 -0.68 -19.08
CA VAL A 88 -3.65 -1.36 -17.96
C VAL A 88 -2.56 -0.48 -17.38
N CYS A 89 -2.65 -0.19 -16.08
CA CYS A 89 -1.78 0.79 -15.46
C CYS A 89 -0.98 0.20 -14.29
N PHE A 90 0.36 0.27 -14.37
CA PHE A 90 1.24 -0.22 -13.31
C PHE A 90 1.78 0.93 -12.45
N THR A 91 1.86 0.71 -11.15
CA THR A 91 2.41 1.73 -10.26
C THR A 91 3.49 1.13 -9.41
N ILE A 92 4.29 2.03 -8.84
CA ILE A 92 5.28 1.63 -7.85
C ILE A 92 4.56 0.93 -6.67
N THR A 93 5.27 0.08 -5.94
CA THR A 93 4.69 -0.59 -4.76
C THR A 93 3.94 0.36 -3.82
N THR A 94 2.77 -0.07 -3.36
CA THR A 94 1.96 0.73 -2.46
C THR A 94 2.67 0.97 -1.13
N LEU A 95 3.67 0.13 -0.83
CA LEU A 95 4.43 0.31 0.41
C LEU A 95 5.41 1.48 0.36
N PHE A 96 5.70 2.03 -0.83
CA PHE A 96 6.59 3.19 -0.96
C PHE A 96 5.82 4.49 -1.22
N SER A 97 4.64 4.39 -1.82
CA SER A 97 4.01 5.59 -2.38
C SER A 97 2.51 5.42 -2.47
N GLY A 98 1.79 6.54 -2.40
CA GLY A 98 0.36 6.50 -2.63
C GLY A 98 -0.01 6.61 -4.11
N SER A 99 0.98 6.44 -4.99
CA SER A 99 0.74 6.46 -6.44
C SER A 99 -0.41 5.52 -6.86
N TYR A 100 -0.37 4.28 -6.40
CA TYR A 100 -1.41 3.31 -6.72
C TYR A 100 -2.79 3.85 -6.36
N ASN A 101 -2.92 4.42 -5.17
CA ASN A 101 -4.23 4.88 -4.76
C ASN A 101 -4.72 6.13 -5.50
N SER A 102 -3.78 6.93 -6.01
CA SER A 102 -4.17 8.02 -6.91
C SER A 102 -4.77 7.45 -8.18
N ALA A 103 -4.15 6.38 -8.69
CA ALA A 103 -4.64 5.78 -9.93
C ALA A 103 -6.00 5.12 -9.71
N ILE A 104 -6.21 4.52 -8.54
CA ILE A 104 -7.50 3.93 -8.22
C ILE A 104 -8.58 5.03 -8.20
N ASN A 105 -8.29 6.12 -7.51
CA ASN A 105 -9.23 7.24 -7.50
C ASN A 105 -9.47 7.79 -8.91
N ALA A 106 -8.44 7.78 -9.74
CA ALA A 106 -8.58 8.31 -11.11
C ALA A 106 -9.44 7.39 -11.97
N LYS A 107 -9.26 6.08 -11.81
CA LYS A 107 -10.13 5.13 -12.50
C LYS A 107 -11.60 5.40 -12.16
N SER A 108 -11.88 5.62 -10.88
CA SER A 108 -13.25 5.89 -10.44
C SER A 108 -13.80 7.17 -11.06
N LEU A 109 -12.98 8.22 -11.06
CA LEU A 109 -13.33 9.49 -11.70
C LEU A 109 -13.76 9.28 -13.16
N VAL A 110 -12.97 8.52 -13.92
CA VAL A 110 -13.21 8.37 -15.35
C VAL A 110 -14.47 7.55 -15.60
N LEU A 111 -14.71 6.57 -14.75
CA LEU A 111 -15.90 5.73 -14.86
C LEU A 111 -17.18 6.54 -14.88
N GLU A 112 -17.24 7.59 -14.06
CA GLU A 112 -18.40 8.47 -14.03
C GLU A 112 -18.78 8.94 -15.43
N ASP A 113 -17.78 9.43 -16.16
CA ASP A 113 -18.02 9.97 -17.51
C ASP A 113 -18.01 8.89 -18.59
N TYR A 114 -17.38 7.75 -18.33
CA TYR A 114 -17.34 6.65 -19.30
C TYR A 114 -17.59 5.30 -18.64
N PRO A 115 -18.84 5.01 -18.29
CA PRO A 115 -19.22 3.86 -17.47
C PRO A 115 -18.88 2.49 -18.10
N ASP A 116 -18.67 2.47 -19.41
CA ASP A 116 -18.32 1.21 -20.06
C ASP A 116 -16.83 1.15 -20.42
N ALA A 117 -15.99 1.74 -19.57
CA ALA A 117 -14.56 1.81 -19.81
C ALA A 117 -13.85 0.64 -19.14
N ASN A 118 -12.79 0.14 -19.78
CA ASN A 118 -11.99 -0.92 -19.17
C ASN A 118 -10.63 -0.43 -18.69
N ILE A 119 -10.50 -0.28 -17.38
CA ILE A 119 -9.27 0.23 -16.78
C ILE A 119 -8.85 -0.72 -15.67
N CYS A 120 -7.65 -1.28 -15.80
CA CYS A 120 -7.10 -2.18 -14.78
C CYS A 120 -5.88 -1.52 -14.12
N VAL A 121 -5.94 -1.32 -12.81
CA VAL A 121 -4.83 -0.66 -12.10
C VAL A 121 -4.10 -1.72 -11.29
N ILE A 122 -2.79 -1.81 -11.48
CA ILE A 122 -1.99 -2.82 -10.81
C ILE A 122 -0.93 -2.22 -9.90
N ASP A 123 -0.99 -2.59 -8.62
CA ASP A 123 0.13 -2.38 -7.68
C ASP A 123 1.24 -3.35 -8.08
N SER A 124 2.26 -2.87 -8.77
CA SER A 124 3.31 -3.75 -9.27
C SER A 124 4.06 -4.51 -8.17
N LYS A 125 4.06 -3.94 -6.96
CA LYS A 125 4.87 -4.40 -5.84
C LYS A 125 6.36 -4.27 -6.11
N GLN A 126 6.72 -3.52 -7.15
CA GLN A 126 8.11 -3.31 -7.52
C GLN A 126 8.48 -1.82 -7.54
N ASN A 127 9.68 -1.56 -8.07
CA ASN A 127 10.15 -0.18 -8.29
C ASN A 127 11.25 -0.28 -9.31
N THR A 128 11.53 0.84 -9.98
CA THR A 128 12.63 0.94 -10.92
C THR A 128 12.84 -0.37 -11.72
N VAL A 129 14.04 -0.97 -11.67
CA VAL A 129 14.35 -2.11 -12.55
C VAL A 129 13.28 -3.25 -12.53
N THR A 130 12.75 -3.60 -11.36
CA THR A 130 11.80 -4.71 -11.32
C THR A 130 10.41 -4.27 -11.77
N GLN A 131 10.10 -2.99 -11.62
CA GLN A 131 8.88 -2.50 -12.19
C GLN A 131 9.00 -2.53 -13.71
N ALA A 132 10.17 -2.13 -14.23
CA ALA A 132 10.42 -2.24 -15.68
C ALA A 132 10.36 -3.71 -16.17
N LEU A 133 10.97 -4.62 -15.42
CA LEU A 133 10.93 -6.05 -15.76
C LEU A 133 9.51 -6.60 -15.78
N LEU A 134 8.69 -6.20 -14.82
CA LEU A 134 7.31 -6.68 -14.78
C LEU A 134 6.51 -6.15 -15.96
N ILE A 135 6.62 -4.84 -16.23
CA ILE A 135 5.93 -4.28 -17.36
C ILE A 135 6.35 -5.00 -18.64
N ASP A 136 7.65 -5.21 -18.77
CA ASP A 136 8.17 -5.91 -19.94
C ASP A 136 7.65 -7.35 -20.07
N GLN A 137 7.49 -8.07 -18.97
CA GLN A 137 6.89 -9.39 -19.06
C GLN A 137 5.46 -9.26 -19.59
N PHE A 138 4.73 -8.23 -19.14
CA PHE A 138 3.36 -8.01 -19.60
C PHE A 138 3.35 -7.65 -21.08
N VAL A 139 4.24 -6.76 -21.49
CA VAL A 139 4.38 -6.40 -22.90
C VAL A 139 4.68 -7.64 -23.75
N ARG A 140 5.58 -8.49 -23.25
CA ARG A 140 5.90 -9.75 -23.94
C ARG A 140 4.68 -10.65 -24.11
N LEU A 142 1.42 -10.03 -24.11
CA LEU A 142 0.48 -9.48 -25.06
C LEU A 142 1.00 -9.55 -26.49
N GLU A 143 2.28 -9.27 -26.70
CA GLU A 143 2.84 -9.38 -28.05
C GLU A 143 2.91 -10.84 -28.52
N ASP A 144 3.10 -11.75 -27.58
CA ASP A 144 3.13 -13.18 -27.92
C ASP A 144 1.72 -13.75 -28.10
N GLY A 145 0.71 -12.90 -27.94
CA GLY A 145 -0.65 -13.30 -28.27
C GLY A 145 -1.48 -13.87 -27.13
N LEU A 146 -0.98 -13.81 -25.91
CA LEU A 146 -1.80 -14.17 -24.75
C LEU A 146 -2.92 -13.15 -24.60
N SER A 147 -4.07 -13.60 -24.12
CA SER A 147 -5.18 -12.69 -23.80
C SER A 147 -4.88 -11.96 -22.48
N PHE A 148 -5.60 -10.88 -22.23
CA PHE A 148 -5.44 -10.18 -20.96
C PHE A 148 -5.62 -11.13 -19.78
N GLU A 149 -6.63 -11.99 -19.87
CA GLU A 149 -6.91 -12.93 -18.77
C GLU A 149 -5.76 -13.91 -18.55
N GLN A 150 -5.20 -14.42 -19.63
CA GLN A 150 -4.08 -15.36 -19.53
C GLN A 150 -2.88 -14.69 -18.88
N ALA A 151 -2.66 -13.41 -19.20
CA ALA A 151 -1.51 -12.69 -18.65
C ALA A 151 -1.72 -12.43 -17.17
N SER A 153 -3.37 -14.16 -15.09
CA SER A 153 -3.23 -15.39 -14.33
C SER A 153 -1.77 -15.72 -14.00
N LYS A 154 -0.83 -15.01 -14.63
CA LYS A 154 0.58 -15.22 -14.33
C LYS A 154 1.18 -14.09 -13.49
N LEU A 155 0.41 -13.02 -13.33
CA LEU A 155 0.92 -11.84 -12.66
C LEU A 155 1.42 -12.06 -11.23
N ASP A 156 0.66 -12.78 -10.40
CA ASP A 156 1.07 -13.00 -9.02
C ASP A 156 2.43 -13.68 -8.91
N ALA A 157 2.61 -14.76 -9.66
CA ALA A 157 3.86 -15.49 -9.64
C ALA A 157 5.02 -14.63 -10.14
N LEU A 158 4.77 -13.84 -11.19
CA LEU A 158 5.80 -12.94 -11.70
C LEU A 158 6.24 -11.96 -10.62
N ALA A 160 5.91 -12.15 -7.34
CA ALA A 160 6.57 -12.86 -6.24
C ALA A 160 8.03 -13.23 -6.55
N SER A 161 8.33 -13.42 -7.83
CA SER A 161 9.66 -13.88 -8.24
C SER A 161 10.63 -12.73 -8.38
N ALA A 162 10.11 -11.50 -8.52
CA ALA A 162 10.98 -10.35 -8.77
C ALA A 162 11.88 -10.05 -7.58
N ARG A 163 13.13 -9.66 -7.86
CA ARG A 163 14.04 -9.21 -6.80
C ARG A 163 14.89 -8.05 -7.30
N ILE A 164 15.19 -7.09 -6.43
CA ILE A 164 16.29 -6.19 -6.70
C ILE A 164 17.37 -6.44 -5.67
N PHE A 165 18.61 -6.51 -6.13
CA PHE A 165 19.76 -6.63 -5.26
C PHE A 165 20.64 -5.42 -5.51
N PHE A 166 20.89 -4.62 -4.49
CA PHE A 166 21.58 -3.36 -4.74
C PHE A 166 22.28 -2.79 -3.53
N THR A 167 23.06 -1.75 -3.79
CA THR A 167 23.68 -1.00 -2.70
C THR A 167 23.55 0.50 -2.97
N VAL A 168 23.85 1.31 -1.96
CA VAL A 168 23.73 2.77 -2.08
C VAL A 168 24.94 3.42 -1.41
N GLY A 169 25.08 4.74 -1.53
CA GLY A 169 26.26 5.41 -1.00
C GLY A 169 26.23 5.74 0.49
N SER A 170 25.05 5.72 1.08
CA SER A 170 24.87 6.08 2.48
C SER A 170 23.43 5.76 2.85
N LEU A 171 23.11 5.88 4.13
CA LEU A 171 21.73 5.68 4.57
C LEU A 171 20.97 7.00 4.68
N ASP A 172 21.67 8.11 4.47
CA ASP A 172 21.11 9.45 4.72
C ASP A 172 19.79 9.71 3.99
N TYR A 173 19.77 9.42 2.70
CA TYR A 173 18.56 9.69 1.91
C TYR A 173 17.40 8.76 2.23
N LEU A 174 17.69 7.47 2.40
CA LEU A 174 16.67 6.50 2.79
C LEU A 174 15.99 6.91 4.09
N LYS A 175 16.79 7.29 5.10
CA LYS A 175 16.20 7.67 6.39
C LYS A 175 15.40 8.96 6.25
N GLY A 177 13.97 10.30 3.72
CA GLY A 177 12.78 10.17 2.89
C GLY A 177 11.69 9.28 3.48
N GLY A 178 12.00 8.57 4.56
CA GLY A 178 11.00 7.80 5.29
C GLY A 178 10.75 6.35 4.86
N ARG A 179 11.45 5.87 3.85
CA ARG A 179 11.19 4.51 3.35
C ARG A 179 12.24 3.49 3.76
N ILE A 180 13.14 3.87 4.66
CA ILE A 180 14.26 3.00 5.00
C ILE A 180 13.79 1.67 5.60
N GLY A 181 12.73 1.73 6.40
CA GLY A 181 12.18 0.55 7.03
C GLY A 181 13.20 -0.39 7.66
N LYS A 182 13.13 -1.65 7.26
CA LYS A 182 13.96 -2.70 7.88
C LYS A 182 15.46 -2.60 7.57
N VAL A 183 15.83 -1.72 6.66
CA VAL A 183 17.25 -1.51 6.37
C VAL A 183 17.94 -0.71 7.50
N ALA A 184 17.15 -0.03 8.34
CA ALA A 184 17.72 0.65 9.51
C ALA A 184 17.88 -0.34 10.66
N THR A 185 19.12 -0.67 10.99
CA THR A 185 19.39 -1.55 12.13
C THR A 185 20.60 -1.02 12.91
N ALA A 186 20.91 -1.65 14.02
CA ALA A 186 22.06 -1.21 14.81
C ALA A 186 23.31 -1.28 13.95
N ALA A 187 23.48 -2.40 13.24
CA ALA A 187 24.65 -2.59 12.39
C ALA A 187 24.80 -1.54 11.27
N THR A 188 23.70 -1.19 10.60
CA THR A 188 23.80 -0.25 9.48
C THR A 188 23.93 1.19 9.95
N GLY A 189 23.66 1.44 11.23
CA GLY A 189 23.71 2.78 11.76
C GLY A 189 25.12 3.20 12.13
N LYS A 190 26.06 2.27 12.06
CA LYS A 190 27.44 2.54 12.43
C LYS A 190 28.17 3.38 11.38
N LEU A 191 29.11 4.19 11.83
CA LEU A 191 29.84 5.09 10.94
C LEU A 191 30.59 4.33 9.85
N GLY A 192 30.38 4.74 8.60
CA GLY A 192 31.09 4.16 7.47
C GLY A 192 30.39 3.01 6.76
N VAL A 193 29.35 2.46 7.39
CA VAL A 193 28.71 1.26 6.84
C VAL A 193 27.65 1.59 5.79
N LYS A 194 27.58 0.75 4.75
CA LYS A 194 26.51 0.80 3.77
C LYS A 194 25.86 -0.57 3.69
N PRO A 195 24.56 -0.58 3.37
CA PRO A 195 23.80 -1.83 3.27
C PRO A 195 23.85 -2.47 1.90
N VAL A 196 23.77 -3.79 1.87
CA VAL A 196 23.36 -4.49 0.67
C VAL A 196 21.88 -4.69 0.91
N ILE A 197 21.06 -4.29 -0.06
CA ILE A 197 19.62 -4.25 0.14
C ILE A 197 18.93 -5.18 -0.84
N ILE A 198 17.85 -5.82 -0.38
CA ILE A 198 17.05 -6.66 -1.24
C ILE A 198 15.64 -6.13 -1.28
N LYS A 200 11.93 -7.25 -2.16
CA LYS A 200 11.11 -8.40 -2.47
C LYS A 200 9.79 -8.26 -1.77
N ASP A 201 8.76 -8.81 -2.39
CA ASP A 201 7.44 -8.79 -1.79
C ASP A 201 6.96 -7.36 -1.53
N GLY A 202 7.40 -6.41 -2.36
CA GLY A 202 6.90 -5.04 -2.27
C GLY A 202 7.63 -4.07 -1.36
N ASP A 203 8.70 -4.54 -0.70
CA ASP A 203 9.41 -3.71 0.25
C ASP A 203 10.92 -4.01 0.27
N ILE A 204 11.69 -3.25 1.04
CA ILE A 204 13.13 -3.50 1.16
C ILE A 204 13.55 -4.12 2.50
N GLY A 205 14.61 -4.92 2.45
CA GLY A 205 15.17 -5.55 3.63
C GLY A 205 16.67 -5.64 3.52
N LEU A 206 17.35 -5.95 4.61
CA LEU A 206 18.80 -5.95 4.63
C LEU A 206 19.35 -7.29 4.16
N GLY A 207 20.24 -7.28 3.17
CA GLY A 207 20.86 -8.50 2.69
C GLY A 207 22.34 -8.66 3.02
N GLY A 208 22.91 -7.66 3.70
CA GLY A 208 24.33 -7.68 4.02
C GLY A 208 24.82 -6.27 4.33
N ILE A 209 26.08 -6.13 4.71
CA ILE A 209 26.69 -4.81 4.94
C ILE A 209 28.14 -4.77 4.47
N GLY A 210 28.71 -3.56 4.45
CA GLY A 210 30.10 -3.39 4.07
C GLY A 210 30.49 -1.93 4.08
N ARG A 211 31.71 -1.64 3.63
CA ARG A 211 32.25 -0.27 3.69
C ARG A 211 32.84 0.19 2.37
N ASN A 212 33.47 -0.74 1.65
CA ASN A 212 34.12 -0.42 0.40
C ASN A 212 33.17 -0.62 -0.78
N ARG A 213 33.08 0.37 -1.66
CA ARG A 213 32.19 0.32 -2.82
C ARG A 213 32.35 -0.98 -3.62
N ASN A 214 33.59 -1.32 -3.97
CA ASN A 214 33.83 -2.51 -4.77
C ASN A 214 33.45 -3.80 -4.06
N LYS A 215 33.74 -3.88 -2.76
CA LYS A 215 33.35 -5.05 -1.98
C LYS A 215 31.83 -5.14 -1.85
N LEU A 216 31.17 -4.01 -1.69
CA LEU A 216 29.71 -4.01 -1.60
C LEU A 216 29.09 -4.50 -2.90
N LYS A 217 29.64 -4.08 -4.03
CA LYS A 217 29.11 -4.54 -5.31
C LYS A 217 29.35 -6.04 -5.48
N ASN A 218 30.45 -6.54 -4.97
CA ASN A 218 30.69 -7.97 -5.01
C ASN A 218 29.69 -8.72 -4.13
N SER A 219 29.32 -8.14 -2.99
CA SER A 219 28.35 -8.77 -2.11
C SER A 219 26.96 -8.77 -2.73
N VAL A 220 26.59 -7.66 -3.39
CA VAL A 220 25.35 -7.63 -4.16
C VAL A 220 25.28 -8.83 -5.11
N LEU A 221 26.36 -9.07 -5.86
CA LEU A 221 26.41 -10.17 -6.81
C LEU A 221 26.29 -11.53 -6.14
N GLN A 222 26.92 -11.68 -4.99
CA GLN A 222 26.85 -12.96 -4.29
C GLN A 222 25.45 -13.25 -3.77
N VAL A 223 24.77 -12.22 -3.28
CA VAL A 223 23.40 -12.40 -2.83
C VAL A 223 22.47 -12.75 -4.01
N ALA A 224 22.68 -12.10 -5.16
CA ALA A 224 21.83 -12.40 -6.31
C ALA A 224 22.12 -13.83 -6.78
N LYS A 225 23.39 -14.21 -6.76
CA LYS A 225 23.80 -15.52 -7.29
C LYS A 225 23.14 -16.65 -6.52
N LYS A 226 23.11 -16.51 -5.19
CA LYS A 226 22.43 -17.45 -4.32
C LYS A 226 20.95 -17.60 -4.67
N TYR A 227 20.26 -16.48 -4.87
CA TYR A 227 18.87 -16.53 -5.23
C TYR A 227 18.64 -17.18 -6.60
N LEU A 228 19.45 -16.79 -7.58
CA LEU A 228 19.29 -17.36 -8.92
C LEU A 228 19.60 -18.85 -8.94
N ASP A 229 20.65 -19.25 -8.24
CA ASP A 229 21.02 -20.66 -8.17
C ASP A 229 19.93 -21.51 -7.51
N GLU A 230 19.32 -20.98 -6.46
CA GLU A 230 18.23 -21.67 -5.79
C GLU A 230 17.04 -21.87 -6.72
N ASN A 231 16.77 -20.89 -7.56
CA ASN A 231 15.50 -20.84 -8.29
C ASN A 231 15.57 -21.16 -9.79
N ASN A 232 16.76 -21.46 -10.27
CA ASN A 232 16.98 -21.90 -11.64
C ASN A 232 17.27 -20.67 -12.49
N LYS A 233 18.54 -20.33 -12.55
CA LYS A 233 18.99 -19.12 -13.21
C LYS A 233 18.49 -19.00 -14.66
N ASP A 234 18.38 -20.14 -15.35
CA ASP A 234 17.98 -20.16 -16.76
C ASP A 234 16.57 -19.63 -16.94
N ASN A 235 15.78 -19.64 -15.86
CA ASN A 235 14.39 -19.26 -15.96
C ASN A 235 14.12 -17.79 -15.64
N PHE A 236 15.18 -17.01 -15.49
CA PHE A 236 15.06 -15.57 -15.14
C PHE A 236 15.59 -14.62 -16.21
N ILE A 237 14.97 -13.44 -16.27
CA ILE A 237 15.51 -12.29 -17.00
C ILE A 237 16.33 -11.45 -16.02
N VAL A 238 17.47 -10.93 -16.44
CA VAL A 238 18.31 -10.14 -15.54
C VAL A 238 18.66 -8.78 -16.18
N SER A 239 18.46 -7.69 -15.45
CA SER A 239 18.84 -6.35 -15.94
C SER A 239 19.52 -5.56 -14.84
N VAL A 240 20.25 -4.52 -15.23
CA VAL A 240 21.02 -3.71 -14.28
C VAL A 240 20.47 -2.28 -14.19
N GLY A 241 20.57 -1.68 -12.99
CA GLY A 241 20.28 -0.26 -12.80
C GLY A 241 21.50 0.47 -12.24
N TYR A 242 21.73 1.69 -12.73
CA TYR A 242 22.88 2.47 -12.27
C TYR A 242 22.47 3.90 -11.97
N GLY A 243 23.28 4.57 -11.16
CA GLY A 243 22.96 5.90 -10.68
C GLY A 243 23.75 6.95 -11.44
N TYR A 244 24.48 7.78 -10.69
CA TYR A 244 25.14 8.94 -11.27
C TYR A 244 26.24 8.57 -12.26
N ASP A 245 27.02 7.55 -11.91
CA ASP A 245 28.19 7.18 -12.69
C ASP A 245 27.86 6.09 -13.71
N LYS A 246 27.61 6.51 -14.95
CA LYS A 246 27.27 5.59 -16.03
C LYS A 246 28.37 4.58 -16.33
N GLU A 247 29.63 5.01 -16.26
CA GLU A 247 30.76 4.13 -16.54
C GLU A 247 30.83 2.97 -15.58
N GLU A 248 30.59 3.29 -14.30
CA GLU A 248 30.55 2.26 -13.27
C GLU A 248 29.44 1.29 -13.61
N GLY A 249 28.31 1.84 -14.04
CA GLY A 249 27.19 1.01 -14.46
C GLY A 249 27.56 0.00 -15.54
N PHE A 250 28.18 0.49 -16.62
CA PHE A 250 28.54 -0.40 -17.73
C PHE A 250 29.54 -1.46 -17.27
N GLU A 251 30.48 -1.06 -16.43
CA GLU A 251 31.47 -1.97 -15.90
C GLU A 251 30.80 -2.99 -14.98
N PHE A 252 29.84 -2.52 -14.19
CA PHE A 252 29.09 -3.42 -13.33
C PHE A 252 28.37 -4.47 -14.16
N LYS A 254 29.29 -5.83 -16.76
CA LYS A 254 30.25 -6.86 -17.18
C LYS A 254 30.49 -7.84 -16.04
N GLU A 255 30.61 -7.31 -14.82
CA GLU A 255 30.80 -8.13 -13.63
C GLU A 255 29.60 -9.03 -13.40
N VAL A 256 28.39 -8.51 -13.64
CA VAL A 256 27.18 -9.30 -13.47
C VAL A 256 27.17 -10.48 -14.44
N GLU A 257 27.45 -10.21 -15.71
CA GLU A 257 27.39 -11.24 -16.72
C GLU A 257 28.41 -12.32 -16.43
N SER A 258 29.60 -11.89 -16.04
CA SER A 258 30.72 -12.77 -15.72
C SER A 258 30.43 -13.60 -14.46
N THR A 259 29.99 -12.93 -13.40
CA THR A 259 29.79 -13.61 -12.13
C THR A 259 28.60 -14.57 -12.16
N LEU A 260 27.52 -14.15 -12.80
CA LEU A 260 26.30 -14.95 -12.84
C LEU A 260 26.25 -15.88 -14.04
N ASP A 261 27.13 -15.65 -15.02
CA ASP A 261 27.11 -16.41 -16.26
C ASP A 261 25.76 -16.26 -16.96
N VAL A 262 25.35 -15.01 -17.16
CA VAL A 262 24.14 -14.72 -17.91
C VAL A 262 24.43 -13.61 -18.90
N LYS A 263 23.48 -13.41 -19.81
CA LYS A 263 23.52 -12.23 -20.66
C LYS A 263 22.37 -11.33 -20.25
N LEU A 264 22.66 -10.07 -19.96
CA LEU A 264 21.60 -9.14 -19.52
C LEU A 264 20.56 -8.94 -20.61
N ASP A 265 19.31 -8.72 -20.19
CA ASP A 265 18.32 -8.25 -21.14
C ASP A 265 18.40 -6.74 -21.19
N SER A 266 19.06 -6.21 -22.21
CA SER A 266 19.45 -4.82 -22.22
C SER A 266 18.27 -3.86 -22.34
N GLU A 267 17.17 -4.33 -22.91
CA GLU A 267 16.00 -3.48 -23.07
C GLU A 267 15.51 -2.92 -21.73
N THR A 268 15.70 -3.71 -20.68
CA THR A 268 15.19 -3.33 -19.35
C THR A 268 16.28 -2.93 -18.35
N ASN A 269 17.51 -2.75 -18.83
CA ASN A 269 18.51 -2.05 -18.04
C ASN A 269 17.95 -0.63 -17.83
N VAL A 270 18.22 -0.03 -16.68
CA VAL A 270 17.71 1.33 -16.45
C VAL A 270 18.75 2.27 -15.89
N ALA A 271 18.66 3.54 -16.30
CA ALA A 271 19.31 4.60 -15.57
C ALA A 271 18.34 4.92 -14.44
N ILE A 272 18.72 4.58 -13.22
CA ILE A 272 17.80 4.68 -12.09
C ILE A 272 17.27 6.12 -12.03
N GLY A 273 15.96 6.26 -11.94
CA GLY A 273 15.35 7.57 -12.08
C GLY A 273 15.26 8.39 -10.81
N ILE A 274 14.75 9.60 -10.99
CA ILE A 274 14.53 10.56 -9.92
C ILE A 274 13.74 10.01 -8.74
N VAL A 275 12.65 9.30 -9.02
CA VAL A 275 11.83 8.75 -7.93
C VAL A 275 12.68 7.94 -6.92
N SER A 276 13.50 7.03 -7.41
CA SER A 276 14.35 6.25 -6.52
C SER A 276 15.53 7.05 -5.98
N ALA A 277 16.15 7.84 -6.86
CA ALA A 277 17.37 8.53 -6.48
C ALA A 277 17.17 9.53 -5.34
N VAL A 278 16.01 10.17 -5.30
CA VAL A 278 15.74 11.10 -4.21
C VAL A 278 15.85 10.35 -2.88
N HIS A 279 15.49 9.08 -2.91
CA HIS A 279 15.44 8.27 -1.70
C HIS A 279 16.70 7.42 -1.45
N THR A 280 17.45 7.10 -2.50
CA THR A 280 18.69 6.33 -2.33
C THR A 280 19.92 7.19 -2.21
N GLY A 281 19.83 8.43 -2.71
CA GLY A 281 21.02 9.22 -2.97
C GLY A 281 21.45 8.98 -4.40
N PRO A 282 22.48 9.71 -4.86
CA PRO A 282 22.88 9.62 -6.26
C PRO A 282 23.74 8.41 -6.60
N TYR A 283 24.04 7.53 -5.64
CA TYR A 283 24.93 6.39 -5.94
C TYR A 283 24.36 4.97 -5.81
N PRO A 284 23.10 4.75 -6.22
CA PRO A 284 22.61 3.37 -6.17
C PRO A 284 23.16 2.54 -7.32
N ILE A 285 23.36 1.24 -7.12
CA ILE A 285 23.77 0.38 -8.22
C ILE A 285 23.37 -1.05 -7.88
N GLY A 286 22.89 -1.78 -8.87
CA GLY A 286 22.38 -3.10 -8.56
C GLY A 286 21.77 -3.78 -9.77
N LEU A 287 21.07 -4.87 -9.51
CA LEU A 287 20.45 -5.63 -10.59
C LEU A 287 19.09 -6.10 -10.14
N GLY A 288 18.20 -6.29 -11.12
CA GLY A 288 16.88 -6.83 -10.88
C GLY A 288 16.70 -8.11 -11.68
N VAL A 289 15.87 -9.00 -11.18
CA VAL A 289 15.59 -10.25 -11.88
C VAL A 289 14.11 -10.52 -11.80
N ILE A 290 13.60 -11.28 -12.75
CA ILE A 290 12.21 -11.70 -12.71
C ILE A 290 12.09 -12.99 -13.50
N ARG A 291 11.09 -13.80 -13.17
CA ARG A 291 10.89 -15.07 -13.88
C ARG A 291 10.40 -14.79 -15.29
N LYS A 292 10.82 -15.60 -16.25
CA LYS A 292 10.24 -15.53 -17.59
C LYS A 292 8.85 -16.14 -17.55
N TYR A 293 7.84 -15.40 -17.98
CA TYR A 293 6.46 -15.89 -17.90
C TYR A 293 6.29 -17.30 -18.52
N GLU A 294 7.05 -17.57 -19.59
CA GLU A 294 6.95 -18.84 -20.33
C GLU A 294 7.19 -20.05 -19.44
N THR A 295 7.92 -19.83 -18.35
CA THR A 295 8.38 -20.92 -17.50
C THR A 295 7.43 -21.19 -16.34
N LEU A 296 6.40 -20.35 -16.20
CA LEU A 296 5.53 -20.43 -15.05
C LEU A 296 4.48 -21.52 -15.18
N ASN B 2 8.61 2.18 31.78
CA ASN B 2 7.61 2.29 30.73
C ASN B 2 7.41 3.73 30.25
N ALA B 3 7.64 3.96 28.96
CA ALA B 3 7.40 5.28 28.37
C ALA B 3 5.92 5.45 28.04
N TYR B 5 3.37 6.43 25.35
CA TYR B 5 3.24 6.65 23.92
C TYR B 5 1.94 7.35 23.60
N LYS B 6 1.97 8.20 22.58
CA LYS B 6 0.76 8.76 22.05
C LYS B 6 0.34 7.91 20.85
N ILE B 7 -0.76 7.18 21.00
CA ILE B 7 -1.29 6.35 19.92
C ILE B 7 -2.19 7.20 19.02
N VAL B 8 -1.94 7.11 17.71
CA VAL B 8 -2.71 7.88 16.71
C VAL B 8 -3.24 6.91 15.67
N SER B 9 -4.45 7.14 15.18
CA SER B 9 -4.98 6.34 14.08
C SER B 9 -5.74 7.24 13.14
N ASP B 10 -5.87 6.82 11.88
CA ASP B 10 -6.79 7.51 10.98
C ASP B 10 -8.21 7.07 11.35
N SER B 11 -9.20 7.79 10.86
CA SER B 11 -10.57 7.60 11.31
C SER B 11 -11.21 6.30 10.79
N ALA B 12 -10.48 5.54 9.97
CA ALA B 12 -11.02 4.28 9.46
C ALA B 12 -11.22 3.25 10.57
N CYS B 13 -10.56 3.44 11.72
CA CYS B 13 -10.63 2.43 12.79
C CYS B 13 -11.98 2.38 13.49
N ASP B 14 -12.74 3.48 13.44
CA ASP B 14 -14.12 3.49 13.98
C ASP B 14 -14.21 3.22 15.48
N LEU B 15 -13.15 3.50 16.22
CA LEU B 15 -13.19 3.32 17.67
C LEU B 15 -14.18 4.31 18.27
N SER B 16 -14.93 3.85 19.27
CA SER B 16 -15.93 4.71 19.91
C SER B 16 -15.29 5.91 20.61
N LYS B 17 -16.02 7.02 20.70
CA LYS B 17 -15.55 8.19 21.43
C LYS B 17 -15.11 7.81 22.85
N GLU B 18 -15.89 6.93 23.46
CA GLU B 18 -15.60 6.46 24.80
C GLU B 18 -14.25 5.77 24.86
N TYR B 19 -13.96 4.92 23.88
CA TYR B 19 -12.70 4.21 23.86
C TYR B 19 -11.57 5.22 23.73
N LEU B 20 -11.75 6.18 22.83
CA LEU B 20 -10.72 7.17 22.55
C LEU B 20 -10.32 7.94 23.81
N GLU B 21 -11.32 8.35 24.58
CA GLU B 21 -11.04 9.11 25.79
C GLU B 21 -10.39 8.22 26.84
N LYS B 22 -10.88 7.00 26.99
CA LYS B 22 -10.38 6.09 28.01
C LYS B 22 -8.93 5.72 27.79
N HIS B 23 -8.55 5.49 26.55
CA HIS B 23 -7.21 4.99 26.25
C HIS B 23 -6.31 6.02 25.59
N ASP B 24 -6.75 7.28 25.55
CA ASP B 24 -5.97 8.37 25.00
C ASP B 24 -5.46 8.12 23.56
N VAL B 25 -6.38 7.73 22.68
CA VAL B 25 -6.05 7.52 21.26
C VAL B 25 -6.53 8.75 20.49
N THR B 26 -5.66 9.28 19.63
CA THR B 26 -5.96 10.47 18.84
C THR B 26 -6.27 10.05 17.41
N ILE B 27 -7.28 10.69 16.82
CA ILE B 27 -7.76 10.31 15.49
C ILE B 27 -7.47 11.40 14.45
N VAL B 28 -6.90 10.98 13.32
CA VAL B 28 -6.73 11.84 12.15
C VAL B 28 -7.79 11.48 11.13
N PRO B 29 -8.68 12.42 10.83
CA PRO B 29 -9.87 12.14 10.02
C PRO B 29 -9.58 12.03 8.52
N LEU B 30 -10.25 11.06 7.87
CA LEU B 30 -10.44 11.11 6.43
C LEU B 30 -11.59 12.07 6.13
N SER B 31 -11.86 12.32 4.87
CA SER B 31 -12.97 13.20 4.49
C SER B 31 -13.91 12.50 3.53
N VAL B 32 -15.13 13.04 3.44
CA VAL B 32 -16.14 12.52 2.53
C VAL B 32 -16.76 13.68 1.77
N SER B 33 -17.07 13.46 0.49
CA SER B 33 -17.75 14.46 -0.34
C SER B 33 -18.96 13.84 -1.00
N PHE B 34 -20.06 14.59 -1.05
CA PHE B 34 -21.27 14.12 -1.71
C PHE B 34 -21.42 14.66 -3.14
N ASP B 35 -20.73 15.74 -3.45
CA ASP B 35 -20.84 16.35 -4.77
C ASP B 35 -19.53 16.35 -5.52
N GLY B 36 -18.48 15.85 -4.87
CA GLY B 36 -17.17 15.78 -5.49
C GLY B 36 -16.36 17.07 -5.40
N GLU B 37 -16.96 18.13 -4.85
CA GLU B 37 -16.28 19.42 -4.74
C GLU B 37 -15.97 19.77 -3.30
N THR B 38 -17.00 19.72 -2.46
CA THR B 38 -16.83 20.03 -1.05
C THR B 38 -16.62 18.76 -0.23
N TYR B 39 -15.57 18.76 0.58
CA TYR B 39 -15.24 17.66 1.48
C TYR B 39 -15.42 18.01 2.96
N TYR B 40 -15.87 17.03 3.73
CA TYR B 40 -16.09 17.16 5.17
C TYR B 40 -15.27 16.12 5.93
N ARG B 41 -14.53 16.58 6.94
CA ARG B 41 -13.72 15.69 7.75
C ARG B 41 -14.58 14.78 8.61
N ASP B 42 -14.33 13.48 8.48
CA ASP B 42 -15.05 12.41 9.14
C ASP B 42 -15.19 12.67 10.63
N GLY B 43 -16.42 12.69 11.12
CA GLY B 43 -16.66 12.89 12.53
C GLY B 43 -16.56 14.35 12.99
N VAL B 44 -15.73 15.15 12.33
CA VAL B 44 -15.47 16.52 12.75
C VAL B 44 -16.40 17.53 12.08
N ASP B 45 -16.49 17.46 10.75
CA ASP B 45 -17.34 18.37 9.99
C ASP B 45 -18.70 17.76 9.70
N ILE B 46 -18.82 16.46 9.93
CA ILE B 46 -20.02 15.71 9.56
C ILE B 46 -20.07 14.51 10.47
N THR B 47 -21.26 14.00 10.76
CA THR B 47 -21.37 12.85 11.66
C THR B 47 -21.59 11.57 10.89
N ARG B 48 -21.22 10.46 11.51
CA ARG B 48 -21.38 9.17 10.88
C ARG B 48 -22.85 8.94 10.51
N ASP B 49 -23.76 9.17 11.44
CA ASP B 49 -25.18 8.97 11.18
C ASP B 49 -25.74 9.81 10.02
N GLU B 50 -25.32 11.08 9.93
CA GLU B 50 -25.78 11.96 8.85
C GLU B 50 -25.38 11.38 7.49
N CYS B 51 -24.12 10.95 7.41
CA CYS B 51 -23.63 10.36 6.18
C CYS B 51 -24.46 9.14 5.79
N TYR B 52 -24.73 8.24 6.74
CA TYR B 52 -25.53 7.07 6.44
C TYR B 52 -26.89 7.48 5.91
N GLN B 53 -27.50 8.46 6.59
CA GLN B 53 -28.84 8.91 6.22
C GLN B 53 -28.86 9.46 4.79
N ARG B 54 -27.85 10.23 4.42
CA ARG B 54 -27.75 10.72 3.05
C ARG B 54 -27.81 9.58 2.04
N VAL B 56 -29.00 6.46 2.53
CA VAL B 56 -30.28 5.78 2.62
C VAL B 56 -31.37 6.61 1.95
N ASP B 57 -31.32 7.93 2.14
CA ASP B 57 -32.30 8.84 1.52
C ASP B 57 -32.23 8.81 0.00
N ASP B 58 -31.06 8.51 -0.54
CA ASP B 58 -30.83 8.59 -1.98
C ASP B 58 -29.96 7.44 -2.48
N PRO B 59 -30.59 6.34 -2.89
CA PRO B 59 -29.92 5.11 -3.32
C PRO B 59 -29.04 5.31 -4.56
N LYS B 60 -29.17 6.47 -5.20
CA LYS B 60 -28.39 6.75 -6.40
C LYS B 60 -27.16 7.62 -6.11
N LEU B 61 -27.03 8.04 -4.85
CA LEU B 61 -25.91 8.88 -4.43
C LEU B 61 -24.71 8.02 -4.05
N PHE B 62 -23.59 8.24 -4.74
CA PHE B 62 -22.33 7.57 -4.40
C PHE B 62 -21.29 8.61 -3.94
N PRO B 63 -21.09 8.72 -2.62
CA PRO B 63 -20.11 9.67 -2.09
C PRO B 63 -18.67 9.29 -2.43
N LYS B 64 -17.75 10.21 -2.20
CA LYS B 64 -16.33 9.94 -2.36
C LYS B 64 -15.60 10.15 -1.05
N THR B 65 -14.60 9.30 -0.79
CA THR B 65 -13.73 9.51 0.36
C THR B 65 -12.45 10.16 -0.10
N SER B 66 -11.72 10.71 0.85
CA SER B 66 -10.41 11.25 0.54
C SER B 66 -9.51 10.95 1.73
N LEU B 67 -8.27 10.53 1.44
CA LEU B 67 -7.25 10.27 2.45
C LEU B 67 -6.94 11.54 3.25
N PRO B 68 -6.41 11.39 4.47
CA PRO B 68 -6.07 12.62 5.23
C PRO B 68 -4.90 13.32 4.59
N SER B 69 -4.86 14.64 4.68
CA SER B 69 -3.76 15.39 4.11
C SER B 69 -2.48 15.16 4.91
N VAL B 70 -1.34 15.22 4.23
CA VAL B 70 -0.05 15.19 4.90
C VAL B 70 0.02 16.20 6.07
N GLU B 71 -0.50 17.39 5.86
CA GLU B 71 -0.45 18.42 6.90
C GLU B 71 -1.25 18.05 8.14
N SER B 72 -2.40 17.41 7.95
CA SER B 72 -3.22 17.00 9.09
C SER B 72 -2.50 16.00 10.01
N TYR B 73 -1.78 15.05 9.43
CA TYR B 73 -0.94 14.17 10.22
C TYR B 73 0.21 14.94 10.86
N ALA B 74 0.92 15.74 10.04
CA ALA B 74 2.10 16.43 10.52
C ALA B 74 1.81 17.31 11.74
N ASP B 75 0.70 18.05 11.69
CA ASP B 75 0.28 18.87 12.83
C ASP B 75 0.08 18.04 14.12
N VAL B 76 -0.54 16.87 13.99
CA VAL B 76 -0.69 15.98 15.13
C VAL B 76 0.67 15.44 15.59
N PHE B 77 1.45 14.90 14.67
CA PHE B 77 2.80 14.41 15.01
C PHE B 77 3.64 15.49 15.71
N ARG B 78 3.62 16.69 15.15
CA ARG B 78 4.45 17.79 15.65
C ARG B 78 4.12 18.17 17.10
N SER B 79 2.84 18.29 17.43
CA SER B 79 2.45 18.70 18.76
C SER B 79 2.93 17.72 19.82
N PHE B 80 2.81 16.42 19.54
CA PHE B 80 3.27 15.40 20.49
C PHE B 80 4.79 15.38 20.61
N VAL B 81 5.48 15.45 19.48
CA VAL B 81 6.94 15.36 19.45
C VAL B 81 7.61 16.52 20.18
N GLU B 82 7.03 17.71 20.07
CA GLU B 82 7.58 18.87 20.72
C GLU B 82 7.33 18.81 22.23
N GLN B 83 6.43 17.92 22.63
CA GLN B 83 6.18 17.67 24.05
C GLN B 83 7.04 16.52 24.58
N GLY B 84 7.82 15.93 23.69
CA GLY B 84 8.72 14.85 24.08
C GLY B 84 8.11 13.48 24.00
N PHE B 85 6.88 13.38 23.49
CA PHE B 85 6.20 12.08 23.38
C PHE B 85 6.63 11.33 22.14
N PRO B 86 6.92 10.02 22.29
CA PRO B 86 7.06 9.17 21.12
C PRO B 86 5.67 8.93 20.56
N VAL B 87 5.57 8.72 19.25
CA VAL B 87 4.27 8.59 18.61
C VAL B 87 4.14 7.25 17.88
N VAL B 88 2.99 6.59 18.02
CA VAL B 88 2.71 5.43 17.21
C VAL B 88 1.41 5.62 16.42
N CYS B 89 1.50 5.52 15.10
CA CYS B 89 0.37 5.86 14.24
C CYS B 89 -0.09 4.71 13.35
N PHE B 90 -1.35 4.30 13.49
CA PHE B 90 -1.92 3.20 12.71
C PHE B 90 -2.78 3.77 11.59
N THR B 91 -2.68 3.17 10.41
CA THR B 91 -3.52 3.60 9.30
C THR B 91 -4.27 2.42 8.72
N ILE B 92 -5.28 2.73 7.93
CA ILE B 92 -6.01 1.72 7.18
C ILE B 92 -5.02 1.04 6.22
N THR B 93 -5.33 -0.19 5.81
CA THR B 93 -4.47 -0.94 4.87
C THR B 93 -4.08 -0.13 3.63
N THR B 94 -2.80 -0.18 3.27
CA THR B 94 -2.30 0.53 2.09
C THR B 94 -2.99 0.10 0.82
N LEU B 95 -3.58 -1.10 0.83
CA LEU B 95 -4.27 -1.60 -0.36
C LEU B 95 -5.62 -0.91 -0.62
N PHE B 96 -6.12 -0.16 0.36
CA PHE B 96 -7.39 0.55 0.23
C PHE B 96 -7.21 2.07 0.06
N SER B 97 -6.10 2.60 0.55
CA SER B 97 -5.98 4.06 0.69
C SER B 97 -4.53 4.52 0.75
N GLY B 98 -4.28 5.75 0.31
CA GLY B 98 -2.97 6.34 0.41
C GLY B 98 -2.71 6.95 1.79
N SER B 99 -3.63 6.72 2.73
CA SER B 99 -3.47 7.22 4.10
C SER B 99 -2.10 6.93 4.74
N TYR B 100 -1.65 5.68 4.65
CA TYR B 100 -0.33 5.31 5.14
C TYR B 100 0.75 6.24 4.56
N ASN B 101 0.70 6.46 3.25
CA ASN B 101 1.77 7.22 2.61
C ASN B 101 1.71 8.71 2.99
N SER B 102 0.51 9.21 3.25
CA SER B 102 0.41 10.58 3.81
C SER B 102 1.12 10.68 5.16
N ALA B 103 0.89 9.69 6.03
CA ALA B 103 1.52 9.70 7.34
C ALA B 103 3.05 9.56 7.25
N ILE B 104 3.52 8.74 6.31
CA ILE B 104 4.95 8.63 6.09
C ILE B 104 5.51 9.98 5.64
N ASN B 105 4.83 10.63 4.70
CA ASN B 105 5.29 11.96 4.30
C ASN B 105 5.26 12.94 5.46
N ALA B 106 4.26 12.81 6.32
CA ALA B 106 4.16 13.71 7.48
C ALA B 106 5.27 13.50 8.49
N LYS B 107 5.60 12.23 8.76
CA LYS B 107 6.71 11.91 9.64
C LYS B 107 8.00 12.58 9.15
N SER B 108 8.25 12.51 7.85
CA SER B 108 9.42 13.17 7.27
C SER B 108 9.41 14.69 7.44
N LEU B 109 8.26 15.32 7.19
CA LEU B 109 8.10 16.75 7.38
C LEU B 109 8.52 17.13 8.79
N VAL B 110 8.11 16.32 9.77
CA VAL B 110 8.41 16.61 11.16
C VAL B 110 9.87 16.32 11.52
N LEU B 111 10.45 15.29 10.92
CA LEU B 111 11.87 14.99 11.13
C LEU B 111 12.78 16.08 10.57
N GLU B 112 12.27 16.85 9.61
CA GLU B 112 12.98 18.03 9.12
C GLU B 112 13.28 18.93 10.30
N ASP B 113 12.23 19.31 11.02
CA ASP B 113 12.37 20.19 12.16
C ASP B 113 12.94 19.46 13.38
N TYR B 114 12.19 18.49 13.91
CA TYR B 114 12.58 17.81 15.16
C TYR B 114 13.38 16.53 14.93
N PRO B 115 14.69 16.66 14.75
CA PRO B 115 15.57 15.58 14.28
C PRO B 115 15.60 14.39 15.23
N ASP B 116 15.50 14.62 16.54
CA ASP B 116 15.41 13.51 17.48
C ASP B 116 13.97 13.33 17.95
N ALA B 117 13.10 12.99 17.01
CA ALA B 117 11.70 12.70 17.30
C ALA B 117 11.45 11.23 17.05
N ASN B 118 10.54 10.64 17.84
CA ASN B 118 10.25 9.21 17.71
C ASN B 118 8.83 8.97 17.17
N ILE B 119 8.72 8.76 15.86
CA ILE B 119 7.43 8.53 15.21
C ILE B 119 7.47 7.19 14.48
N CYS B 120 6.56 6.28 14.85
CA CYS B 120 6.42 5.00 14.17
C CYS B 120 5.08 4.97 13.44
N VAL B 121 5.11 4.77 12.13
CA VAL B 121 3.89 4.73 11.30
C VAL B 121 3.67 3.27 10.89
N ILE B 122 2.50 2.74 11.22
CA ILE B 122 2.19 1.35 10.93
C ILE B 122 1.04 1.22 9.93
N ASP B 123 1.31 0.53 8.83
CA ASP B 123 0.23 0.06 7.93
C ASP B 123 -0.46 -1.09 8.65
N SER B 124 -1.63 -0.84 9.22
CA SER B 124 -2.30 -1.86 10.03
C SER B 124 -2.63 -3.13 9.24
N LYS B 125 -2.80 -2.97 7.93
CA LYS B 125 -3.30 -4.02 7.05
C LYS B 125 -4.73 -4.36 7.38
N GLN B 126 -5.41 -3.48 8.11
CA GLN B 126 -6.81 -3.72 8.47
C GLN B 126 -7.71 -2.55 8.08
N ASN B 127 -8.94 -2.60 8.56
CA ASN B 127 -9.89 -1.50 8.41
C ASN B 127 -10.94 -1.70 9.47
N THR B 128 -11.61 -0.61 9.84
CA THR B 128 -12.76 -0.68 10.73
C THR B 128 -12.51 -1.65 11.89
N VAL B 129 -13.38 -2.63 12.08
CA VAL B 129 -13.32 -3.45 13.30
C VAL B 129 -11.93 -4.11 13.55
N THR B 130 -11.24 -4.59 12.50
CA THR B 130 -9.94 -5.24 12.74
C THR B 130 -8.85 -4.19 12.97
N GLN B 131 -9.05 -2.97 12.47
CA GLN B 131 -8.13 -1.90 12.81
C GLN B 131 -8.35 -1.52 14.28
N ALA B 132 -9.61 -1.45 14.71
CA ALA B 132 -9.86 -1.22 16.15
C ALA B 132 -9.28 -2.35 17.02
N LEU B 133 -9.46 -3.59 16.60
CA LEU B 133 -8.92 -4.74 17.34
C LEU B 133 -7.40 -4.72 17.45
N LEU B 134 -6.72 -4.40 16.34
CA LEU B 134 -5.27 -4.27 16.38
C LEU B 134 -4.80 -3.16 17.31
N ILE B 135 -5.37 -1.97 17.17
CA ILE B 135 -4.99 -0.88 18.05
C ILE B 135 -5.19 -1.30 19.49
N ASP B 136 -6.34 -1.90 19.76
CA ASP B 136 -6.65 -2.35 21.11
C ASP B 136 -5.63 -3.38 21.66
N GLN B 137 -5.12 -4.28 20.81
CA GLN B 137 -4.09 -5.21 21.28
C GLN B 137 -2.83 -4.40 21.65
N PHE B 138 -2.51 -3.39 20.84
CA PHE B 138 -1.36 -2.55 21.12
C PHE B 138 -1.56 -1.80 22.43
N VAL B 139 -2.76 -1.23 22.61
CA VAL B 139 -3.11 -0.55 23.85
C VAL B 139 -2.95 -1.49 25.05
N ARG B 140 -3.52 -2.69 24.94
CA ARG B 140 -3.39 -3.70 26.00
C ARG B 140 -1.94 -4.03 26.35
N LEU B 142 0.84 -2.26 25.89
CA LEU B 142 1.46 -1.15 26.59
C LEU B 142 0.96 -1.01 28.02
N GLU B 143 -0.35 -1.15 28.22
CA GLU B 143 -0.89 -1.06 29.57
C GLU B 143 -0.42 -2.21 30.46
N ASP B 144 -0.17 -3.37 29.85
CA ASP B 144 0.29 -4.54 30.61
C ASP B 144 1.79 -4.52 30.88
N GLY B 145 2.46 -3.43 30.48
CA GLY B 145 3.86 -3.25 30.83
C GLY B 145 4.89 -3.65 29.80
N LEU B 146 4.44 -4.16 28.65
CA LEU B 146 5.37 -4.50 27.58
C LEU B 146 6.07 -3.25 27.05
N SER B 147 7.34 -3.39 26.68
CA SER B 147 8.05 -2.32 26.01
C SER B 147 7.57 -2.15 24.58
N PHE B 148 7.90 -1.02 23.96
CA PHE B 148 7.56 -0.83 22.55
C PHE B 148 8.14 -1.94 21.68
N GLU B 149 9.38 -2.32 21.96
CA GLU B 149 10.05 -3.37 21.20
C GLU B 149 9.33 -4.71 21.34
N GLN B 150 8.91 -5.03 22.56
CA GLN B 150 8.19 -6.27 22.80
C GLN B 150 6.87 -6.30 22.06
N ALA B 151 6.16 -5.16 22.04
CA ALA B 151 4.88 -5.10 21.38
C ALA B 151 5.06 -5.25 19.86
N SER B 153 7.29 -6.82 18.38
CA SER B 153 7.69 -8.19 18.06
C SER B 153 6.50 -9.12 17.87
N LYS B 154 5.33 -8.66 18.30
CA LYS B 154 4.12 -9.47 18.16
C LYS B 154 3.21 -8.96 17.06
N LEU B 155 3.54 -7.79 16.53
CA LEU B 155 2.69 -7.11 15.55
C LEU B 155 2.39 -7.92 14.29
N ASP B 156 3.42 -8.50 13.68
CA ASP B 156 3.21 -9.26 12.44
C ASP B 156 2.19 -10.38 12.63
N ALA B 157 2.37 -11.15 13.71
CA ALA B 157 1.48 -12.27 13.99
C ALA B 157 0.04 -11.79 14.24
N LEU B 158 -0.11 -10.70 14.98
CA LEU B 158 -1.44 -10.17 15.25
C LEU B 158 -2.14 -9.81 13.94
N ALA B 160 -1.55 -10.80 10.88
CA ALA B 160 -1.83 -11.98 10.07
C ALA B 160 -3.06 -12.75 10.57
N SER B 161 -3.32 -12.69 11.87
CA SER B 161 -4.42 -13.46 12.47
C SER B 161 -5.76 -12.76 12.29
N ALA B 162 -5.73 -11.45 12.02
CA ALA B 162 -6.96 -10.68 11.96
C ALA B 162 -7.83 -11.06 10.77
N ARG B 163 -9.14 -11.15 11.00
CA ARG B 163 -10.11 -11.37 9.92
C ARG B 163 -11.35 -10.50 10.11
N ILE B 164 -11.94 -10.05 9.01
CA ILE B 164 -13.33 -9.57 9.08
C ILE B 164 -14.16 -10.50 8.23
N PHE B 165 -15.29 -10.93 8.77
CA PHE B 165 -16.26 -11.69 8.00
C PHE B 165 -17.55 -10.86 7.96
N PHE B 166 -18.01 -10.55 6.76
CA PHE B 166 -19.11 -9.58 6.66
C PHE B 166 -19.91 -9.72 5.38
N THR B 167 -21.04 -9.04 5.35
CA THR B 167 -21.83 -8.94 4.14
C THR B 167 -22.27 -7.48 3.96
N VAL B 168 -22.81 -7.18 2.78
CA VAL B 168 -23.26 -5.83 2.45
C VAL B 168 -24.56 -5.93 1.67
N GLY B 169 -25.23 -4.80 1.42
CA GLY B 169 -26.52 -4.80 0.76
C GLY B 169 -26.51 -4.93 -0.75
N SER B 170 -25.36 -4.65 -1.37
CA SER B 170 -25.24 -4.70 -2.83
C SER B 170 -23.77 -4.58 -3.18
N LEU B 171 -23.42 -4.73 -4.45
CA LEU B 171 -22.04 -4.51 -4.87
C LEU B 171 -21.83 -3.10 -5.44
N ASP B 172 -22.91 -2.33 -5.53
CA ASP B 172 -22.88 -1.01 -6.20
C ASP B 172 -21.80 -0.06 -5.68
N TYR B 173 -21.71 0.08 -4.36
CA TYR B 173 -20.74 1.00 -3.76
C TYR B 173 -19.30 0.51 -3.85
N LEU B 174 -19.10 -0.78 -3.61
CA LEU B 174 -17.78 -1.39 -3.76
C LEU B 174 -17.26 -1.17 -5.17
N LYS B 175 -18.09 -1.43 -6.18
CA LYS B 175 -17.63 -1.28 -7.55
C LYS B 175 -17.35 0.18 -7.87
N GLY B 177 -16.66 2.62 -5.92
CA GLY B 177 -15.56 3.14 -5.13
C GLY B 177 -14.17 2.66 -5.52
N GLY B 178 -14.09 1.58 -6.30
CA GLY B 178 -12.82 1.10 -6.84
C GLY B 178 -12.07 0.03 -6.05
N ARG B 179 -12.61 -0.37 -4.91
CA ARG B 179 -11.91 -1.30 -4.02
C ARG B 179 -12.51 -2.70 -4.01
N ILE B 180 -13.38 -2.99 -4.96
CA ILE B 180 -14.11 -4.24 -4.93
C ILE B 180 -13.16 -5.42 -5.12
N GLY B 181 -12.15 -5.23 -5.96
CA GLY B 181 -11.17 -6.26 -6.22
C GLY B 181 -11.75 -7.64 -6.49
N LYS B 182 -11.26 -8.63 -5.75
CA LYS B 182 -11.57 -10.03 -6.02
C LYS B 182 -13.01 -10.42 -5.67
N VAL B 183 -13.74 -9.52 -5.02
CA VAL B 183 -15.12 -9.78 -4.70
C VAL B 183 -15.99 -9.67 -5.98
N ALA B 184 -15.46 -9.03 -7.02
CA ALA B 184 -16.18 -8.96 -8.29
C ALA B 184 -15.92 -10.20 -9.14
N THR B 185 -16.96 -11.03 -9.31
CA THR B 185 -16.82 -12.25 -10.10
C THR B 185 -18.10 -12.46 -10.91
N ALA B 186 -18.15 -13.53 -11.69
CA ALA B 186 -19.32 -13.83 -12.50
C ALA B 186 -20.49 -14.04 -11.56
N ALA B 187 -20.31 -14.95 -10.61
CA ALA B 187 -21.35 -15.25 -9.62
C ALA B 187 -21.91 -13.99 -8.96
N THR B 188 -21.03 -13.12 -8.48
CA THR B 188 -21.50 -11.96 -7.71
C THR B 188 -22.11 -10.88 -8.59
N GLY B 189 -21.90 -10.97 -9.90
CA GLY B 189 -22.41 -9.96 -10.83
C GLY B 189 -23.88 -10.16 -11.13
N LYS B 190 -24.38 -11.35 -10.80
CA LYS B 190 -25.78 -11.70 -11.05
C LYS B 190 -26.78 -10.83 -10.29
N LEU B 191 -27.94 -10.64 -10.88
CA LEU B 191 -29.00 -9.83 -10.27
C LEU B 191 -29.46 -10.41 -8.93
N GLY B 192 -29.43 -9.58 -7.89
CA GLY B 192 -29.93 -9.97 -6.58
C GLY B 192 -28.93 -10.64 -5.64
N VAL B 193 -27.73 -10.94 -6.14
CA VAL B 193 -26.74 -11.64 -5.32
C VAL B 193 -25.92 -10.67 -4.49
N LYS B 194 -25.66 -11.04 -3.24
CA LYS B 194 -24.75 -10.30 -2.38
C LYS B 194 -23.64 -11.24 -1.92
N PRO B 195 -22.45 -10.67 -1.68
CA PRO B 195 -21.31 -11.49 -1.25
C PRO B 195 -21.21 -11.65 0.26
N VAL B 196 -20.62 -12.76 0.67
CA VAL B 196 -20.04 -12.87 1.98
C VAL B 196 -18.57 -12.56 1.73
N ILE B 197 -18.04 -11.58 2.45
CA ILE B 197 -16.68 -11.12 2.20
C ILE B 197 -15.77 -11.40 3.39
N ILE B 198 -14.51 -11.68 3.09
CA ILE B 198 -13.50 -11.89 4.12
C ILE B 198 -12.40 -10.88 3.90
N LYS B 200 -8.62 -10.23 4.85
CA LYS B 200 -7.44 -10.83 5.43
C LYS B 200 -6.21 -10.44 4.63
N ASP B 201 -5.09 -10.38 5.32
CA ASP B 201 -3.81 -10.04 4.72
CA ASP B 201 -3.85 -10.09 4.63
C ASP B 201 -3.89 -8.71 3.96
N GLY B 202 -4.74 -7.81 4.46
CA GLY B 202 -4.77 -6.45 3.94
C GLY B 202 -5.76 -6.14 2.83
N ASP B 203 -6.55 -7.12 2.40
CA ASP B 203 -7.44 -6.93 1.27
C ASP B 203 -8.71 -7.75 1.45
N ILE B 204 -9.66 -7.61 0.53
CA ILE B 204 -10.90 -8.40 0.61
C ILE B 204 -10.99 -9.50 -0.44
N GLY B 205 -11.71 -10.56 -0.10
CA GLY B 205 -11.92 -11.67 -1.02
C GLY B 205 -13.28 -12.28 -0.78
N LEU B 206 -13.72 -13.13 -1.71
CA LEU B 206 -15.05 -13.71 -1.64
C LEU B 206 -15.08 -14.96 -0.76
N GLY B 207 -15.98 -14.98 0.22
CA GLY B 207 -16.11 -16.12 1.10
C GLY B 207 -17.41 -16.89 0.92
N GLY B 208 -18.27 -16.42 0.02
CA GLY B 208 -19.57 -17.04 -0.21
C GLY B 208 -20.52 -16.09 -0.90
N ILE B 209 -21.75 -16.55 -1.19
CA ILE B 209 -22.76 -15.72 -1.85
C ILE B 209 -24.16 -16.03 -1.31
N GLY B 210 -25.12 -15.18 -1.65
CA GLY B 210 -26.50 -15.42 -1.24
C GLY B 210 -27.40 -14.27 -1.62
N ARG B 211 -28.66 -14.34 -1.21
CA ARG B 211 -29.67 -13.37 -1.67
C ARG B 211 -30.46 -12.79 -0.51
N ASN B 212 -30.71 -13.62 0.49
CA ASN B 212 -31.53 -13.20 1.61
C ASN B 212 -30.65 -12.68 2.75
N ARG B 213 -31.01 -11.52 3.29
CA ARG B 213 -30.22 -10.88 4.35
C ARG B 213 -29.94 -11.83 5.52
N ASN B 214 -30.98 -12.49 6.02
CA ASN B 214 -30.81 -13.40 7.14
C ASN B 214 -29.95 -14.61 6.80
N LYS B 215 -30.09 -15.13 5.59
CA LYS B 215 -29.25 -16.25 5.18
C LYS B 215 -27.79 -15.81 5.03
N LEU B 216 -27.59 -14.59 4.54
CA LEU B 216 -26.22 -14.08 4.40
C LEU B 216 -25.56 -13.89 5.75
N LYS B 217 -26.30 -13.38 6.74
CA LYS B 217 -25.71 -13.22 8.07
C LYS B 217 -25.39 -14.60 8.67
N ASN B 218 -26.23 -15.58 8.40
CA ASN B 218 -25.91 -16.93 8.84
C ASN B 218 -24.64 -17.50 8.18
N SER B 219 -24.45 -17.21 6.90
CA SER B 219 -23.25 -17.68 6.19
C SER B 219 -22.01 -16.98 6.70
N VAL B 220 -22.13 -15.69 7.00
CA VAL B 220 -21.03 -14.97 7.61
C VAL B 220 -20.58 -15.70 8.86
N LEU B 221 -21.54 -16.06 9.72
CA LEU B 221 -21.24 -16.75 10.98
C LEU B 221 -20.59 -18.10 10.73
N GLN B 222 -21.03 -18.80 9.69
CA GLN B 222 -20.45 -20.12 9.42
C GLN B 222 -19.01 -20.04 8.93
N VAL B 223 -18.70 -19.03 8.10
CA VAL B 223 -17.33 -18.83 7.67
C VAL B 223 -16.41 -18.44 8.85
N ALA B 224 -16.91 -17.59 9.74
CA ALA B 224 -16.11 -17.20 10.89
C ALA B 224 -15.88 -18.40 11.80
N LYS B 225 -16.92 -19.20 11.99
CA LYS B 225 -16.86 -20.31 12.94
C LYS B 225 -15.79 -21.31 12.50
N LYS B 226 -15.73 -21.55 11.20
CA LYS B 226 -14.74 -22.43 10.61
C LYS B 226 -13.31 -21.92 10.84
N TYR B 227 -13.10 -20.61 10.71
CA TYR B 227 -11.80 -20.03 10.96
C TYR B 227 -11.46 -20.14 12.45
N LEU B 228 -12.40 -19.78 13.31
CA LEU B 228 -12.12 -19.78 14.74
C LEU B 228 -11.82 -21.20 15.23
N ASP B 229 -12.65 -22.15 14.82
CA ASP B 229 -12.47 -23.54 15.23
C ASP B 229 -11.11 -24.06 14.78
N GLU B 230 -10.74 -23.74 13.54
CA GLU B 230 -9.45 -24.10 13.00
C GLU B 230 -8.30 -23.57 13.87
N ASN B 231 -8.46 -22.35 14.39
CA ASN B 231 -7.34 -21.67 15.04
C ASN B 231 -7.43 -21.55 16.58
N ASN B 232 -8.49 -22.12 17.13
CA ASN B 232 -8.70 -22.17 18.58
C ASN B 232 -9.43 -20.93 19.03
N LYS B 233 -10.76 -20.99 19.11
CA LYS B 233 -11.54 -19.79 19.38
C LYS B 233 -11.23 -19.12 20.73
N ASP B 234 -10.75 -19.90 21.69
CA ASP B 234 -10.43 -19.39 23.02
C ASP B 234 -9.29 -18.38 22.96
N ASN B 235 -8.54 -18.41 21.86
CA ASN B 235 -7.35 -17.58 21.79
C ASN B 235 -7.57 -16.30 20.99
N PHE B 236 -8.83 -16.02 20.67
CA PHE B 236 -9.19 -14.83 19.89
C PHE B 236 -10.08 -13.86 20.65
N ILE B 237 -9.94 -12.58 20.30
CA ILE B 237 -10.89 -11.53 20.65
C ILE B 237 -11.87 -11.41 19.50
N VAL B 238 -13.17 -11.28 19.80
CA VAL B 238 -14.12 -11.05 18.71
C VAL B 238 -15.09 -9.89 18.98
N SER B 239 -15.31 -9.08 17.95
CA SER B 239 -16.19 -7.91 18.07
C SER B 239 -17.05 -7.78 16.81
N VAL B 240 -18.11 -6.98 16.91
CA VAL B 240 -19.07 -6.84 15.82
C VAL B 240 -19.08 -5.41 15.28
N GLY B 241 -19.27 -5.27 13.96
CA GLY B 241 -19.51 -3.97 13.35
C GLY B 241 -20.87 -3.95 12.67
N TYR B 242 -21.57 -2.82 12.76
CA TYR B 242 -22.90 -2.71 12.15
C TYR B 242 -23.08 -1.39 11.42
N GLY B 243 -24.03 -1.38 10.51
CA GLY B 243 -24.24 -0.26 9.61
C GLY B 243 -25.37 0.61 10.07
N TYR B 244 -26.33 0.83 9.18
CA TYR B 244 -27.39 1.80 9.40
C TYR B 244 -28.34 1.37 10.51
N ASP B 245 -28.66 0.08 10.52
CA ASP B 245 -29.65 -0.45 11.46
C ASP B 245 -28.98 -0.94 12.74
N LYS B 246 -28.94 -0.07 13.76
CA LYS B 246 -28.32 -0.43 15.03
C LYS B 246 -29.00 -1.62 15.69
N GLU B 247 -30.31 -1.70 15.56
CA GLU B 247 -31.09 -2.74 16.19
C GLU B 247 -30.71 -4.11 15.63
N GLU B 248 -30.54 -4.18 14.31
CA GLU B 248 -30.06 -5.41 13.66
C GLU B 248 -28.69 -5.75 14.21
N GLY B 249 -27.87 -4.73 14.40
CA GLY B 249 -26.55 -4.93 14.96
C GLY B 249 -26.57 -5.59 16.32
N PHE B 250 -27.42 -5.09 17.22
CA PHE B 250 -27.54 -5.67 18.57
C PHE B 250 -28.04 -7.10 18.48
N GLU B 251 -28.97 -7.34 17.57
CA GLU B 251 -29.53 -8.67 17.35
C GLU B 251 -28.46 -9.58 16.79
N PHE B 252 -27.66 -9.06 15.87
CA PHE B 252 -26.57 -9.86 15.30
C PHE B 252 -25.57 -10.25 16.38
N LYS B 254 -26.10 -10.93 19.36
CA LYS B 254 -26.65 -12.09 20.08
C LYS B 254 -26.45 -13.37 19.29
N GLU B 255 -26.67 -13.29 17.98
CA GLU B 255 -26.47 -14.44 17.10
C GLU B 255 -25.01 -14.88 17.05
N VAL B 256 -24.09 -13.92 17.11
CA VAL B 256 -22.67 -14.26 17.12
C VAL B 256 -22.29 -15.00 18.41
N GLU B 257 -22.71 -14.45 19.55
CA GLU B 257 -22.39 -15.07 20.83
C GLU B 257 -22.93 -16.49 20.89
N SER B 258 -24.18 -16.65 20.46
CA SER B 258 -24.86 -17.93 20.45
C SER B 258 -24.20 -18.93 19.50
N THR B 259 -23.97 -18.52 18.26
CA THR B 259 -23.45 -19.44 17.26
C THR B 259 -22.01 -19.86 17.52
N LEU B 260 -21.19 -18.91 17.97
CA LEU B 260 -19.78 -19.19 18.18
C LEU B 260 -19.46 -19.61 19.61
N ASP B 261 -20.43 -19.46 20.51
CA ASP B 261 -20.20 -19.73 21.93
C ASP B 261 -19.04 -18.87 22.43
N VAL B 262 -19.13 -17.57 22.20
CA VAL B 262 -18.16 -16.64 22.76
C VAL B 262 -18.90 -15.47 23.38
N LYS B 263 -18.18 -14.68 24.15
CA LYS B 263 -18.70 -13.38 24.60
C LYS B 263 -17.92 -12.32 23.84
N LEU B 264 -18.63 -11.37 23.24
CA LEU B 264 -17.98 -10.30 22.50
C LEU B 264 -17.12 -9.43 23.39
N ASP B 265 -16.05 -8.90 22.81
CA ASP B 265 -15.29 -7.90 23.51
C ASP B 265 -15.86 -6.54 23.12
N SER B 266 -16.74 -6.00 23.97
CA SER B 266 -17.61 -4.91 23.57
C SER B 266 -16.90 -3.57 23.37
N GLU B 267 -15.73 -3.43 23.98
CA GLU B 267 -14.98 -2.19 23.87
C GLU B 267 -14.65 -1.90 22.41
N THR B 268 -14.47 -2.98 21.64
CA THR B 268 -14.07 -2.84 20.24
C THR B 268 -15.15 -3.18 19.23
N ASN B 269 -16.39 -3.32 19.70
CA ASN B 269 -17.53 -3.31 18.79
C ASN B 269 -17.55 -1.93 18.14
N VAL B 270 -17.91 -1.84 16.87
CA VAL B 270 -17.91 -0.53 16.20
C VAL B 270 -19.20 -0.22 15.46
N ALA B 271 -19.60 1.04 15.49
CA ALA B 271 -20.57 1.51 14.52
C ALA B 271 -19.73 1.77 13.26
N ILE B 272 -19.93 0.96 12.23
CA ILE B 272 -19.04 1.07 11.07
C ILE B 272 -19.07 2.50 10.56
N GLY B 273 -17.90 3.07 10.34
CA GLY B 273 -17.83 4.50 10.05
C GLY B 273 -17.95 4.88 8.60
N ILE B 274 -17.94 6.19 8.37
CA ILE B 274 -18.03 6.77 7.04
C ILE B 274 -17.03 6.24 6.03
N VAL B 275 -15.76 6.08 6.44
CA VAL B 275 -14.74 5.58 5.51
C VAL B 275 -15.16 4.25 4.84
N SER B 276 -15.64 3.30 5.62
CA SER B 276 -16.07 2.04 5.05
C SER B 276 -17.43 2.15 4.38
N ALA B 277 -18.34 2.90 5.00
CA ALA B 277 -19.71 2.91 4.51
C ALA B 277 -19.84 3.56 3.13
N VAL B 278 -18.97 4.51 2.81
CA VAL B 278 -19.00 5.10 1.47
C VAL B 278 -18.76 4.02 0.42
N HIS B 279 -17.99 3.02 0.82
CA HIS B 279 -17.56 1.96 -0.08
C HIS B 279 -18.38 0.67 0.03
N THR B 280 -19.02 0.44 1.17
CA THR B 280 -19.86 -0.75 1.30
C THR B 280 -21.32 -0.47 1.00
N GLY B 281 -21.72 0.79 1.14
CA GLY B 281 -23.12 1.13 1.19
C GLY B 281 -23.54 1.16 2.65
N PRO B 282 -24.79 1.57 2.91
CA PRO B 282 -25.26 1.78 4.29
C PRO B 282 -25.60 0.52 5.07
N TYR B 283 -25.49 -0.66 4.47
CA TYR B 283 -25.91 -1.87 5.19
C TYR B 283 -24.85 -2.95 5.41
N PRO B 284 -23.60 -2.56 5.79
CA PRO B 284 -22.63 -3.61 6.11
C PRO B 284 -22.93 -4.20 7.48
N ILE B 285 -22.62 -5.48 7.68
CA ILE B 285 -22.74 -6.07 9.00
C ILE B 285 -21.81 -7.27 9.09
N GLY B 286 -21.15 -7.46 10.21
CA GLY B 286 -20.20 -8.55 10.30
C GLY B 286 -19.44 -8.56 11.60
N LEU B 287 -18.40 -9.36 11.65
CA LEU B 287 -17.58 -9.45 12.85
C LEU B 287 -16.10 -9.49 12.48
N GLY B 288 -15.28 -9.07 13.42
CA GLY B 288 -13.83 -9.08 13.27
C GLY B 288 -13.26 -9.90 14.41
N VAL B 289 -12.14 -10.56 14.16
CA VAL B 289 -11.48 -11.33 15.21
C VAL B 289 -10.00 -11.04 15.15
N ILE B 290 -9.32 -11.20 16.27
CA ILE B 290 -7.87 -11.10 16.28
C ILE B 290 -7.33 -11.95 17.40
N ARG B 291 -6.10 -12.45 17.25
CA ARG B 291 -5.49 -13.26 18.30
C ARG B 291 -5.22 -12.39 19.52
N LYS B 292 -5.38 -12.97 20.72
CA LYS B 292 -4.93 -12.31 21.93
C LYS B 292 -3.41 -12.35 21.99
N TYR B 293 -2.77 -11.19 22.13
CA TYR B 293 -1.31 -11.16 22.12
C TYR B 293 -0.67 -12.11 23.16
N GLU B 294 -1.32 -12.30 24.30
CA GLU B 294 -0.77 -13.12 25.41
C GLU B 294 -0.58 -14.56 24.99
N THR B 295 -1.13 -14.86 23.83
CA THR B 295 -1.34 -16.22 23.39
C THR B 295 -0.29 -16.58 22.34
N LEU B 296 0.37 -15.55 21.82
CA LEU B 296 1.34 -15.74 20.75
C LEU B 296 2.66 -16.33 21.24
#